data_3OV0
#
_entry.id   3OV0
#
_cell.length_a   150.900
_cell.length_b   150.900
_cell.length_c   76.100
_cell.angle_alpha   90.00
_cell.angle_beta   90.00
_cell.angle_gamma   90.00
#
_symmetry.space_group_name_H-M   'I 4'
#
loop_
_entity.id
_entity.type
_entity.pdbx_description
1 polymer 'Cytochrome c family protein'
2 non-polymer 'HEME C'
3 water water
#
_entity_poly.entity_id   1
_entity_poly.type   'polypeptide(L)'
_entity_poly.pdbx_seq_one_letter_code
;KETKNVPFKLKNAAPVIFSHDIHLKKYNNNCRICHIALFDLRKPKRYTMLDMEKGKSCGACHTGMKAFSVADDSQCVRCH
SGSARPVAYRMKGAGEAVFSHEVHVPMLEGKCRTCHSNREITGGRNVTMAQMEKGKSCGACHNDKMAFTVAGNCGKCHKG
MTPPKTVNFKMKGVADAAFSHEFHLGMYKCNECHTKLFAYKAGAKRFTMADMDKGKSCGACHNGKDAFSSASDCGKCHPG
LKPAKLTYKTSVGEAYFDHDIHLSMFKCADCHTKVFKYRKGSAPATMADMEKGKSCGVCHNGKDAFSVADDCVKCHNM
;
_entity_poly.pdbx_strand_id   A
#
# COMPACT_ATOMS: atom_id res chain seq x y z
N LYS A 1 -9.32 -32.76 -45.08
CA LYS A 1 -9.82 -32.92 -43.68
C LYS A 1 -10.15 -31.57 -43.04
N GLU A 2 -9.29 -30.58 -43.29
CA GLU A 2 -9.46 -29.22 -42.77
C GLU A 2 -9.20 -29.00 -41.28
N THR A 3 -8.10 -28.33 -40.97
CA THR A 3 -7.70 -28.02 -39.60
C THR A 3 -6.73 -26.84 -39.62
N LYS A 4 -6.67 -26.05 -38.54
CA LYS A 4 -5.79 -24.89 -38.51
C LYS A 4 -5.32 -24.41 -37.13
N ASN A 5 -4.30 -23.56 -37.13
CA ASN A 5 -3.66 -22.96 -35.95
C ASN A 5 -4.39 -23.06 -34.61
N VAL A 6 -3.59 -23.13 -33.54
CA VAL A 6 -4.08 -23.21 -32.16
C VAL A 6 -3.06 -22.49 -31.29
N PRO A 7 -3.48 -21.40 -30.64
CA PRO A 7 -2.57 -20.65 -29.80
C PRO A 7 -2.39 -21.19 -28.37
N PHE A 8 -1.34 -20.71 -27.71
CA PHE A 8 -1.02 -21.09 -26.34
C PHE A 8 -1.07 -19.84 -25.49
N LYS A 9 -2.04 -19.82 -24.58
CA LYS A 9 -2.28 -18.70 -23.68
C LYS A 9 -1.26 -18.64 -22.55
N LEU A 10 -0.51 -17.56 -22.49
CA LEU A 10 0.49 -17.41 -21.46
C LEU A 10 0.20 -16.23 -20.53
N LYS A 11 -0.10 -16.55 -19.27
CA LYS A 11 -0.43 -15.55 -18.25
C LYS A 11 0.52 -14.36 -18.10
N ASN A 12 1.63 -14.30 -18.84
CA ASN A 12 2.53 -13.18 -18.66
C ASN A 12 3.23 -12.62 -19.87
N ALA A 13 2.73 -12.94 -21.05
CA ALA A 13 3.32 -12.39 -22.25
C ALA A 13 2.61 -12.93 -23.47
N ALA A 14 2.86 -12.30 -24.62
CA ALA A 14 2.22 -12.70 -25.86
C ALA A 14 2.12 -14.23 -25.96
N PRO A 15 1.03 -14.73 -26.56
CA PRO A 15 0.88 -16.18 -26.68
C PRO A 15 1.83 -16.74 -27.71
N VAL A 16 1.84 -18.07 -27.81
CA VAL A 16 2.67 -18.76 -28.78
C VAL A 16 1.71 -19.47 -29.71
N ILE A 17 1.79 -19.14 -30.99
CA ILE A 17 0.89 -19.73 -31.95
C ILE A 17 1.45 -20.98 -32.61
N PHE A 18 0.86 -22.12 -32.31
CA PHE A 18 1.31 -23.36 -32.94
C PHE A 18 0.80 -23.24 -34.35
N SER A 19 1.41 -23.95 -35.29
CA SER A 19 0.96 -23.86 -36.66
C SER A 19 0.82 -25.19 -37.38
N HIS A 20 -0.40 -25.71 -37.46
CA HIS A 20 -0.63 -26.97 -38.16
C HIS A 20 -0.16 -26.83 -39.61
N ASP A 21 -0.55 -25.73 -40.24
CA ASP A 21 -0.22 -25.48 -41.65
C ASP A 21 1.26 -25.62 -42.01
N ILE A 22 2.11 -25.83 -41.01
CA ILE A 22 3.54 -26.03 -41.25
C ILE A 22 3.81 -27.51 -41.01
N HIS A 23 3.75 -27.92 -39.75
CA HIS A 23 4.00 -29.29 -39.35
C HIS A 23 3.04 -30.26 -39.99
N LEU A 24 2.45 -29.86 -41.10
CA LEU A 24 1.55 -30.74 -41.82
C LEU A 24 2.23 -31.03 -43.13
N LYS A 25 2.63 -29.97 -43.83
CA LYS A 25 3.31 -30.09 -45.13
C LYS A 25 4.63 -30.87 -44.95
N LYS A 26 5.03 -31.05 -43.69
CA LYS A 26 6.25 -31.77 -43.33
C LYS A 26 5.98 -33.26 -43.17
N TYR A 27 5.10 -33.58 -42.22
CA TYR A 27 4.77 -34.96 -41.95
C TYR A 27 3.76 -35.62 -42.89
N ASN A 28 3.12 -34.81 -43.72
CA ASN A 28 2.12 -35.29 -44.69
C ASN A 28 0.81 -35.86 -44.13
N ASN A 29 -0.01 -35.00 -43.53
CA ASN A 29 -1.33 -35.38 -42.97
C ASN A 29 -1.37 -36.50 -41.95
N ASN A 30 -0.20 -36.96 -41.52
CA ASN A 30 -0.16 -38.00 -40.52
C ASN A 30 -0.56 -37.25 -39.26
N CYS A 31 -1.50 -37.82 -38.51
CA CYS A 31 -1.95 -37.17 -37.30
C CYS A 31 -1.50 -37.84 -35.99
N ARG A 32 -1.78 -39.14 -35.87
CA ARG A 32 -1.47 -39.91 -34.67
C ARG A 32 -0.23 -39.46 -33.91
N ILE A 33 0.78 -38.98 -34.63
CA ILE A 33 2.02 -38.55 -33.99
C ILE A 33 1.81 -37.64 -32.77
N CYS A 34 1.67 -36.34 -33.00
CA CYS A 34 1.52 -35.41 -31.89
C CYS A 34 0.24 -35.58 -31.06
N HIS A 35 -0.75 -36.31 -31.55
CA HIS A 35 -1.97 -36.41 -30.78
C HIS A 35 -2.28 -37.70 -30.02
N ILE A 36 -1.45 -38.73 -30.18
CA ILE A 36 -1.68 -39.97 -29.43
C ILE A 36 -0.93 -39.94 -28.11
N ALA A 37 0.11 -39.14 -28.06
CA ALA A 37 0.89 -39.08 -26.84
C ALA A 37 1.38 -37.69 -26.53
N LEU A 38 2.09 -37.12 -27.48
CA LEU A 38 2.65 -35.79 -27.31
C LEU A 38 1.64 -34.80 -26.75
N PHE A 39 0.50 -34.70 -27.42
CA PHE A 39 -0.57 -33.81 -26.98
C PHE A 39 -1.87 -34.60 -26.84
N ASP A 40 -2.33 -34.75 -25.61
CA ASP A 40 -3.53 -35.52 -25.32
C ASP A 40 -4.69 -35.15 -26.22
N LEU A 41 -5.25 -33.97 -25.96
CA LEU A 41 -6.39 -33.42 -26.70
C LEU A 41 -7.67 -33.73 -25.95
N ARG A 42 -7.64 -34.78 -25.14
CA ARG A 42 -8.80 -35.14 -24.34
C ARG A 42 -8.71 -34.41 -23.01
N LYS A 43 -7.52 -34.41 -22.40
CA LYS A 43 -7.35 -33.77 -21.09
C LYS A 43 -5.95 -33.12 -20.97
N PRO A 44 -5.46 -32.53 -22.08
CA PRO A 44 -4.15 -31.86 -22.21
C PRO A 44 -3.59 -31.20 -20.94
N LYS A 45 -2.30 -30.86 -20.97
CA LYS A 45 -1.68 -30.23 -19.82
C LYS A 45 -0.85 -29.03 -20.18
N ARG A 46 -0.39 -28.34 -19.15
CA ARG A 46 0.44 -27.16 -19.32
C ARG A 46 1.88 -27.54 -18.96
N TYR A 47 2.77 -27.38 -19.93
CA TYR A 47 4.15 -27.73 -19.76
C TYR A 47 5.02 -26.49 -19.62
N THR A 48 6.14 -26.61 -18.91
CA THR A 48 7.06 -25.47 -18.75
C THR A 48 8.11 -25.70 -19.82
N MET A 49 8.91 -24.68 -20.13
CA MET A 49 9.92 -24.88 -21.13
C MET A 49 10.68 -26.16 -20.81
N LEU A 50 11.18 -26.23 -19.58
CA LEU A 50 11.93 -27.39 -19.11
C LEU A 50 11.25 -28.71 -19.46
N ASP A 51 10.02 -28.88 -19.01
CA ASP A 51 9.28 -30.10 -19.31
C ASP A 51 9.41 -30.50 -20.80
N MET A 52 9.82 -29.56 -21.64
CA MET A 52 9.99 -29.85 -23.05
C MET A 52 11.38 -30.41 -23.25
N GLU A 53 12.39 -29.71 -22.72
CA GLU A 53 13.77 -30.16 -22.83
C GLU A 53 13.75 -31.60 -22.40
N LYS A 54 13.06 -31.88 -21.29
CA LYS A 54 12.95 -33.23 -20.77
C LYS A 54 12.13 -34.14 -21.69
N GLY A 55 11.92 -33.71 -22.93
CA GLY A 55 11.19 -34.52 -23.91
C GLY A 55 9.71 -34.29 -24.18
N LYS A 56 8.96 -33.93 -23.14
CA LYS A 56 7.52 -33.71 -23.26
C LYS A 56 7.20 -32.48 -24.11
N SER A 57 6.03 -32.51 -24.76
CA SER A 57 5.56 -31.41 -25.61
C SER A 57 6.38 -31.22 -26.89
N CYS A 58 6.70 -29.96 -27.14
CA CYS A 58 7.48 -29.56 -28.30
C CYS A 58 8.92 -30.00 -28.05
N GLY A 59 9.20 -30.33 -26.79
CA GLY A 59 10.54 -30.78 -26.43
C GLY A 59 10.75 -32.22 -26.86
N ALA A 60 9.83 -32.71 -27.68
CA ALA A 60 9.87 -34.06 -28.19
C ALA A 60 10.04 -34.00 -29.71
N CYS A 61 10.69 -32.95 -30.19
CA CYS A 61 10.92 -32.81 -31.61
C CYS A 61 11.71 -31.57 -31.88
N HIS A 62 11.80 -30.69 -30.89
CA HIS A 62 12.54 -29.44 -31.05
C HIS A 62 13.78 -29.45 -30.17
N THR A 63 14.57 -30.51 -30.36
CA THR A 63 15.81 -30.81 -29.66
C THR A 63 17.07 -30.17 -30.28
N GLY A 64 17.16 -30.21 -31.60
CA GLY A 64 18.29 -29.65 -32.30
C GLY A 64 18.48 -30.49 -33.54
N MET A 65 18.20 -31.79 -33.37
CA MET A 65 18.30 -32.77 -34.43
C MET A 65 17.17 -32.56 -35.43
N LYS A 66 16.01 -33.17 -35.14
CA LYS A 66 14.83 -33.09 -36.01
C LYS A 66 14.42 -31.67 -36.36
N ALA A 67 14.33 -30.81 -35.34
CA ALA A 67 13.98 -29.39 -35.51
C ALA A 67 14.67 -28.61 -34.40
N PHE A 68 15.09 -27.37 -34.67
CA PHE A 68 15.81 -26.58 -33.66
C PHE A 68 15.35 -26.73 -32.20
N SER A 69 16.21 -26.31 -31.27
CA SER A 69 15.96 -26.47 -29.83
C SER A 69 15.17 -25.42 -29.03
N VAL A 70 14.59 -25.91 -27.94
CA VAL A 70 13.82 -25.10 -27.04
C VAL A 70 14.81 -24.67 -25.96
N ALA A 71 16.09 -24.77 -26.28
CA ALA A 71 17.11 -24.41 -25.32
C ALA A 71 18.08 -23.40 -25.88
N ASP A 72 18.04 -23.19 -27.19
CA ASP A 72 18.95 -22.23 -27.77
C ASP A 72 18.62 -20.81 -27.33
N ASP A 73 19.30 -20.41 -26.27
CA ASP A 73 19.21 -19.11 -25.64
C ASP A 73 19.16 -17.94 -26.63
N SER A 74 19.15 -18.23 -27.92
CA SER A 74 19.10 -17.18 -28.94
C SER A 74 18.25 -17.62 -30.13
N GLN A 75 17.30 -18.48 -29.83
CA GLN A 75 16.39 -18.99 -30.83
C GLN A 75 15.09 -19.37 -30.14
N CYS A 76 14.64 -18.47 -29.27
CA CYS A 76 13.38 -18.63 -28.53
C CYS A 76 12.33 -17.85 -29.31
N VAL A 77 12.69 -16.63 -29.70
CA VAL A 77 11.82 -15.74 -30.44
C VAL A 77 11.24 -16.38 -31.71
N ARG A 78 11.69 -17.60 -32.01
CA ARG A 78 11.21 -18.33 -33.18
C ARG A 78 9.76 -18.74 -32.94
N CYS A 79 9.44 -18.89 -31.66
CA CYS A 79 8.09 -19.23 -31.27
C CYS A 79 7.51 -18.06 -30.50
N HIS A 80 8.25 -17.63 -29.49
CA HIS A 80 7.84 -16.50 -28.71
C HIS A 80 8.05 -15.27 -29.59
N SER A 81 7.31 -15.23 -30.69
CA SER A 81 7.36 -14.13 -31.65
C SER A 81 6.62 -12.92 -31.10
N GLY A 82 6.18 -13.06 -29.85
CA GLY A 82 5.44 -12.05 -29.10
C GLY A 82 5.54 -10.58 -29.48
N SER A 83 4.58 -9.80 -29.00
CA SER A 83 4.52 -8.38 -29.29
C SER A 83 4.65 -7.55 -28.01
N ALA A 84 5.40 -8.06 -27.04
CA ALA A 84 5.61 -7.39 -25.75
C ALA A 84 4.32 -7.44 -24.90
N ARG A 85 4.43 -7.04 -23.64
CA ARG A 85 3.29 -7.03 -22.73
C ARG A 85 3.82 -7.00 -21.30
N PRO A 86 4.35 -5.86 -20.86
CA PRO A 86 4.89 -5.74 -19.50
C PRO A 86 4.21 -6.63 -18.49
N VAL A 87 4.98 -7.13 -17.53
CA VAL A 87 4.40 -8.02 -16.55
C VAL A 87 3.56 -7.33 -15.47
N ALA A 88 2.31 -7.79 -15.35
CA ALA A 88 1.37 -7.24 -14.41
C ALA A 88 1.40 -7.87 -13.02
N TYR A 89 1.73 -7.06 -12.02
CA TYR A 89 1.73 -7.53 -10.66
C TYR A 89 0.61 -6.90 -9.83
N ARG A 90 -0.40 -7.73 -9.56
CA ARG A 90 -1.57 -7.35 -8.82
C ARG A 90 -1.52 -7.92 -7.40
N MET A 91 -1.23 -7.07 -6.42
CA MET A 91 -1.18 -7.53 -5.05
C MET A 91 -2.25 -6.86 -4.19
N LYS A 92 -2.88 -7.67 -3.36
CA LYS A 92 -3.91 -7.16 -2.46
C LYS A 92 -3.29 -6.37 -1.31
N GLY A 93 -2.77 -5.18 -1.63
CA GLY A 93 -2.17 -4.37 -0.59
C GLY A 93 -0.85 -3.74 -1.00
N ALA A 94 -0.75 -3.31 -2.26
CA ALA A 94 0.47 -2.69 -2.76
C ALA A 94 0.34 -2.24 -4.21
N GLY A 95 1.12 -1.23 -4.56
CA GLY A 95 1.07 -0.66 -5.90
C GLY A 95 1.43 -1.54 -7.08
N GLU A 96 0.41 -2.05 -7.77
CA GLU A 96 0.59 -2.91 -8.95
C GLU A 96 2.00 -2.80 -9.48
N ALA A 97 2.74 -3.90 -9.35
CA ALA A 97 4.13 -3.94 -9.78
C ALA A 97 4.28 -4.35 -11.24
N VAL A 98 5.29 -3.78 -11.88
CA VAL A 98 5.51 -4.04 -13.27
C VAL A 98 6.97 -4.31 -13.66
N PHE A 99 7.15 -5.36 -14.44
CA PHE A 99 8.45 -5.74 -14.95
C PHE A 99 8.31 -6.00 -16.45
N SER A 100 9.23 -5.47 -17.24
CA SER A 100 9.15 -5.68 -18.68
C SER A 100 10.51 -5.97 -19.32
N HIS A 101 10.51 -6.93 -20.23
CA HIS A 101 11.72 -7.31 -20.94
C HIS A 101 12.36 -6.10 -21.60
N GLU A 102 11.75 -5.62 -22.68
CA GLU A 102 12.21 -4.48 -23.48
C GLU A 102 13.23 -3.48 -22.88
N VAL A 103 13.35 -3.46 -21.56
CA VAL A 103 14.29 -2.56 -20.90
C VAL A 103 15.31 -3.35 -20.11
N HIS A 104 15.15 -4.68 -20.13
CA HIS A 104 16.05 -5.61 -19.42
C HIS A 104 16.90 -6.47 -20.40
N VAL A 105 16.34 -6.83 -21.55
CA VAL A 105 17.09 -7.60 -22.55
C VAL A 105 18.41 -6.87 -22.80
N PRO A 106 18.36 -5.65 -23.35
CA PRO A 106 19.58 -4.90 -23.60
C PRO A 106 20.23 -4.47 -22.29
N MET A 107 20.76 -5.45 -21.57
CA MET A 107 21.44 -5.26 -20.29
C MET A 107 22.34 -6.48 -20.03
N LEU A 108 22.08 -7.55 -20.77
CA LEU A 108 22.87 -8.77 -20.67
C LEU A 108 23.38 -9.09 -22.09
N GLU A 109 22.46 -9.02 -23.05
CA GLU A 109 22.73 -9.28 -24.47
C GLU A 109 21.39 -9.58 -25.13
N GLY A 110 20.90 -10.80 -24.95
CA GLY A 110 19.62 -11.23 -25.48
C GLY A 110 19.46 -12.50 -24.68
N LYS A 111 20.31 -12.56 -23.66
CA LYS A 111 20.45 -13.65 -22.72
C LYS A 111 19.31 -14.42 -22.06
N CYS A 112 18.06 -14.13 -22.40
CA CYS A 112 16.94 -14.85 -21.80
C CYS A 112 17.27 -15.80 -20.65
N ARG A 113 17.59 -17.03 -21.05
CA ARG A 113 17.94 -18.11 -20.12
C ARG A 113 18.63 -17.72 -18.83
N THR A 114 19.46 -16.67 -18.85
CA THR A 114 20.15 -16.25 -17.63
C THR A 114 19.14 -16.18 -16.51
N CYS A 115 17.92 -15.82 -16.91
CA CYS A 115 16.78 -15.67 -16.01
C CYS A 115 15.84 -16.85 -16.06
N HIS A 116 15.43 -17.23 -17.26
CA HIS A 116 14.49 -18.34 -17.37
C HIS A 116 15.03 -19.72 -17.10
N SER A 117 16.27 -19.77 -16.62
CA SER A 117 16.94 -21.02 -16.29
C SER A 117 17.35 -20.95 -14.83
N ASN A 118 17.62 -19.72 -14.36
CA ASN A 118 18.03 -19.47 -12.99
C ASN A 118 16.87 -19.72 -12.02
N ARG A 119 16.62 -20.97 -11.71
CA ARG A 119 15.53 -21.37 -10.82
C ARG A 119 15.30 -20.42 -9.63
N GLU A 120 16.28 -19.61 -9.26
CA GLU A 120 16.09 -18.69 -8.14
C GLU A 120 15.55 -17.34 -8.56
N ILE A 121 15.20 -17.23 -9.84
CA ILE A 121 14.63 -16.02 -10.42
C ILE A 121 13.21 -16.34 -10.84
N THR A 122 13.06 -17.26 -11.78
CA THR A 122 11.75 -17.64 -12.29
C THR A 122 11.14 -18.83 -11.58
N GLY A 123 11.56 -19.07 -10.35
CA GLY A 123 11.05 -20.21 -9.61
C GLY A 123 9.75 -19.99 -8.86
N GLY A 124 9.87 -19.50 -7.63
CA GLY A 124 8.71 -19.27 -6.77
C GLY A 124 7.55 -18.49 -7.39
N ARG A 125 6.36 -18.72 -6.82
CA ARG A 125 5.14 -18.04 -7.25
C ARG A 125 4.72 -17.18 -6.07
N ASN A 126 4.25 -15.97 -6.36
CA ASN A 126 3.83 -15.06 -5.29
C ASN A 126 5.00 -14.86 -4.32
N VAL A 127 6.10 -14.36 -4.88
CA VAL A 127 7.31 -14.08 -4.12
C VAL A 127 7.03 -12.94 -3.16
N THR A 128 7.87 -12.77 -2.16
CA THR A 128 7.68 -11.69 -1.21
C THR A 128 8.89 -10.78 -1.25
N MET A 129 8.92 -9.80 -0.37
CA MET A 129 10.04 -8.86 -0.32
C MET A 129 11.05 -9.43 0.67
N ALA A 130 10.61 -10.43 1.42
CA ALA A 130 11.51 -11.09 2.34
C ALA A 130 12.31 -11.94 1.37
N GLN A 131 11.64 -12.97 0.84
CA GLN A 131 12.25 -13.87 -0.13
C GLN A 131 13.09 -13.10 -1.16
N MET A 132 12.63 -11.92 -1.53
CA MET A 132 13.32 -11.14 -2.54
C MET A 132 14.54 -10.42 -1.98
N GLU A 133 14.49 -10.07 -0.71
CA GLU A 133 15.60 -9.36 -0.10
C GLU A 133 16.74 -10.33 0.18
N LYS A 134 16.47 -11.62 0.03
CA LYS A 134 17.49 -12.64 0.23
C LYS A 134 17.95 -13.23 -1.11
N GLY A 135 17.92 -12.40 -2.16
CA GLY A 135 18.36 -12.81 -3.47
C GLY A 135 17.34 -13.46 -4.38
N LYS A 136 16.36 -14.18 -3.82
CA LYS A 136 15.37 -14.85 -4.66
C LYS A 136 14.57 -13.87 -5.55
N SER A 137 14.62 -14.10 -6.86
CA SER A 137 13.93 -13.29 -7.87
C SER A 137 14.15 -11.81 -7.72
N CYS A 138 14.04 -11.07 -8.81
CA CYS A 138 14.22 -9.61 -8.77
C CYS A 138 15.45 -9.21 -7.97
N GLY A 139 15.44 -9.49 -6.67
CA GLY A 139 16.57 -9.17 -5.80
C GLY A 139 17.71 -10.13 -6.05
N ALA A 140 17.53 -11.00 -7.04
CA ALA A 140 18.55 -11.96 -7.43
C ALA A 140 19.65 -11.07 -7.88
N CYS A 141 19.27 -10.12 -8.75
CA CYS A 141 20.19 -9.14 -9.28
C CYS A 141 20.21 -7.90 -8.38
N HIS A 142 19.07 -7.20 -8.34
CA HIS A 142 18.90 -5.98 -7.53
C HIS A 142 19.22 -6.34 -6.08
N ASN A 143 20.50 -6.45 -5.71
CA ASN A 143 20.84 -6.85 -4.35
C ASN A 143 21.97 -6.10 -3.67
N ASP A 144 22.15 -4.81 -4.01
CA ASP A 144 23.19 -3.97 -3.44
C ASP A 144 24.55 -4.19 -4.12
N LYS A 145 24.56 -5.01 -5.17
CA LYS A 145 25.77 -5.32 -5.91
C LYS A 145 25.58 -5.09 -7.41
N MET A 146 25.01 -6.09 -8.10
CA MET A 146 24.81 -5.96 -9.53
C MET A 146 23.92 -4.76 -9.81
N ALA A 147 22.91 -4.60 -8.96
CA ALA A 147 21.97 -3.49 -9.10
C ALA A 147 21.43 -3.05 -7.74
N PHE A 148 20.98 -1.81 -7.68
CA PHE A 148 20.43 -1.20 -6.47
C PHE A 148 19.67 -2.18 -5.59
N THR A 149 19.84 -2.03 -4.28
CA THR A 149 19.17 -2.91 -3.34
C THR A 149 17.65 -2.84 -3.50
N VAL A 150 16.97 -3.84 -2.97
CA VAL A 150 15.52 -3.94 -3.06
C VAL A 150 14.87 -3.25 -1.85
N ALA A 151 15.69 -2.86 -0.88
CA ALA A 151 15.18 -2.15 0.28
C ALA A 151 15.18 -0.68 -0.09
N GLY A 152 14.52 -0.37 -1.22
CA GLY A 152 14.43 0.99 -1.71
C GLY A 152 13.70 1.10 -3.06
N ASN A 153 13.72 2.29 -3.64
CA ASN A 153 13.09 2.60 -4.93
C ASN A 153 11.74 1.94 -5.25
N CYS A 154 11.00 1.60 -4.20
CA CYS A 154 9.71 0.94 -4.34
C CYS A 154 8.81 1.51 -5.43
N GLY A 155 8.95 2.79 -5.70
CA GLY A 155 8.12 3.42 -6.71
C GLY A 155 8.64 3.12 -8.10
N LYS A 156 9.91 2.71 -8.15
CA LYS A 156 10.56 2.37 -9.41
C LYS A 156 9.91 1.12 -10.02
N CYS A 157 9.59 0.14 -9.16
CA CYS A 157 8.97 -1.12 -9.59
C CYS A 157 7.44 -1.14 -9.38
N HIS A 158 7.03 -0.70 -8.20
CA HIS A 158 5.61 -0.68 -7.83
C HIS A 158 4.89 0.57 -8.32
N LYS A 159 3.59 0.44 -8.53
CA LYS A 159 2.75 1.54 -9.00
C LYS A 159 2.54 2.69 -8.02
N GLY A 160 3.28 3.78 -8.20
CA GLY A 160 3.14 4.92 -7.31
C GLY A 160 4.01 4.90 -6.06
N MET A 161 3.70 4.02 -5.11
CA MET A 161 4.43 3.90 -3.87
C MET A 161 5.33 5.09 -3.47
N THR A 162 6.57 5.12 -3.97
CA THR A 162 7.52 6.20 -3.64
C THR A 162 6.99 7.16 -2.59
N PRO A 163 7.42 6.99 -1.33
CA PRO A 163 7.02 7.80 -0.18
C PRO A 163 7.26 9.31 -0.27
N PRO A 164 6.35 10.10 0.35
CA PRO A 164 6.38 11.57 0.41
C PRO A 164 7.22 12.02 1.59
N LYS A 165 7.95 13.12 1.43
CA LYS A 165 8.79 13.58 2.52
C LYS A 165 7.96 14.03 3.72
N THR A 166 6.89 14.77 3.47
CA THR A 166 6.00 15.23 4.54
C THR A 166 4.55 15.13 4.08
N VAL A 167 3.69 14.68 4.98
CA VAL A 167 2.26 14.52 4.66
C VAL A 167 1.44 15.49 5.49
N ASN A 168 0.37 16.02 4.88
CA ASN A 168 -0.52 16.98 5.54
C ASN A 168 -1.92 16.41 5.74
N PHE A 169 -2.52 16.70 6.89
CA PHE A 169 -3.88 16.25 7.17
C PHE A 169 -4.72 17.51 7.30
N LYS A 170 -5.73 17.63 6.45
CA LYS A 170 -6.59 18.80 6.48
C LYS A 170 -7.61 18.58 7.59
N MET A 171 -7.80 19.59 8.43
CA MET A 171 -8.75 19.48 9.53
C MET A 171 -9.68 20.70 9.64
N LYS A 172 -10.94 20.44 9.97
CA LYS A 172 -11.95 21.49 10.12
C LYS A 172 -12.28 21.72 11.61
N GLY A 173 -11.97 22.93 12.09
CA GLY A 173 -12.24 23.25 13.47
C GLY A 173 -10.99 23.16 14.33
N VAL A 174 -10.05 22.32 13.90
CA VAL A 174 -8.78 22.12 14.62
C VAL A 174 -7.70 23.04 14.05
N ALA A 175 -7.20 22.64 12.89
CA ALA A 175 -6.16 23.37 12.16
C ALA A 175 -5.57 22.39 11.13
N ASP A 176 -4.29 22.05 11.30
CA ASP A 176 -3.61 21.13 10.40
C ASP A 176 -2.75 20.11 11.14
N ALA A 177 -2.64 18.91 10.56
CA ALA A 177 -1.85 17.81 11.14
C ALA A 177 -0.65 17.44 10.26
N ALA A 178 0.54 17.77 10.75
CA ALA A 178 1.78 17.49 10.05
C ALA A 178 2.48 16.26 10.60
N PHE A 179 2.89 15.37 9.71
CA PHE A 179 3.58 14.15 10.08
C PHE A 179 4.75 14.02 9.12
N SER A 180 5.94 13.67 9.62
CA SER A 180 7.11 13.54 8.74
C SER A 180 7.57 12.10 8.41
N HIS A 181 7.46 11.72 7.13
CA HIS A 181 7.87 10.39 6.70
C HIS A 181 9.38 10.24 6.88
N GLU A 182 10.13 11.03 6.12
CA GLU A 182 11.58 11.00 6.23
C GLU A 182 11.94 10.61 7.65
N PHE A 183 11.76 11.52 8.59
CA PHE A 183 12.11 11.22 9.96
C PHE A 183 11.49 9.97 10.55
N HIS A 184 10.31 9.56 10.08
CA HIS A 184 9.71 8.34 10.64
C HIS A 184 10.25 7.09 9.96
N LEU A 185 11.04 7.28 8.91
CA LEU A 185 11.64 6.15 8.19
C LEU A 185 12.93 5.66 8.83
N GLY A 186 13.87 6.60 9.01
CA GLY A 186 15.14 6.24 9.63
C GLY A 186 14.89 5.81 11.06
N MET A 187 13.77 5.13 11.27
CA MET A 187 13.38 4.71 12.57
C MET A 187 12.51 3.47 12.43
N TYR A 188 11.97 3.26 11.23
CA TYR A 188 11.08 2.11 10.96
C TYR A 188 11.13 1.57 9.54
N LYS A 189 10.50 0.42 9.34
CA LYS A 189 10.47 -0.18 8.02
C LYS A 189 9.04 -0.15 7.52
N CYS A 190 8.87 0.09 6.21
CA CYS A 190 7.53 0.17 5.62
C CYS A 190 6.49 -0.68 6.33
N ASN A 191 6.57 -1.99 6.18
CA ASN A 191 5.57 -2.87 6.79
C ASN A 191 5.34 -2.74 8.31
N GLU A 192 6.16 -1.96 9.00
CA GLU A 192 5.96 -1.79 10.44
C GLU A 192 4.61 -1.12 10.56
N CYS A 193 4.37 -0.27 9.56
CA CYS A 193 3.14 0.51 9.41
C CYS A 193 2.35 -0.11 8.26
N HIS A 194 2.49 0.45 7.05
CA HIS A 194 1.77 -0.06 5.87
C HIS A 194 1.65 -1.58 5.90
N THR A 195 0.46 -2.17 5.76
CA THR A 195 -0.86 -1.56 5.58
C THR A 195 -1.71 -1.43 6.85
N LYS A 196 -1.60 -2.40 7.75
CA LYS A 196 -2.34 -2.42 9.01
C LYS A 196 -2.57 -1.03 9.62
N LEU A 197 -1.48 -0.32 9.88
CA LEU A 197 -1.58 1.02 10.46
C LEU A 197 -2.07 2.06 9.46
N PHE A 198 -1.53 2.04 8.24
CA PHE A 198 -1.95 2.99 7.21
C PHE A 198 -1.92 2.34 5.83
N ALA A 199 -2.59 2.95 4.86
CA ALA A 199 -2.63 2.40 3.52
C ALA A 199 -1.76 3.19 2.54
N TYR A 200 -1.62 2.65 1.33
CA TYR A 200 -0.80 3.29 0.31
C TYR A 200 -1.60 4.18 -0.64
N LYS A 201 -2.72 3.65 -1.14
CA LYS A 201 -3.59 4.37 -2.08
C LYS A 201 -3.81 5.85 -1.73
N ALA A 202 -5.01 6.17 -1.22
CA ALA A 202 -5.33 7.56 -0.85
C ALA A 202 -6.81 7.76 -0.51
N GLY A 203 -7.28 7.08 0.53
CA GLY A 203 -8.68 7.23 0.93
C GLY A 203 -8.90 6.77 2.36
N ALA A 204 -9.29 5.50 2.49
CA ALA A 204 -9.54 4.82 3.77
C ALA A 204 -10.18 5.63 4.91
N LYS A 205 -10.39 4.93 6.04
CA LYS A 205 -10.99 5.50 7.24
C LYS A 205 -10.10 6.54 7.92
N ARG A 206 -10.49 7.81 7.84
CA ARG A 206 -9.74 8.89 8.48
C ARG A 206 -10.03 8.80 9.98
N PHE A 207 -9.13 8.15 10.71
CA PHE A 207 -9.29 7.96 12.15
C PHE A 207 -9.50 9.26 12.95
N THR A 208 -9.77 9.11 14.24
CA THR A 208 -9.98 10.24 15.15
C THR A 208 -9.12 10.05 16.41
N MET A 209 -8.65 11.16 16.99
CA MET A 209 -7.82 11.12 18.19
C MET A 209 -8.30 10.08 19.18
N ALA A 210 -9.62 9.93 19.28
CA ALA A 210 -10.22 8.98 20.19
C ALA A 210 -9.88 7.56 19.74
N ASP A 211 -10.03 7.33 18.43
CA ASP A 211 -9.74 6.05 17.83
C ASP A 211 -8.31 5.62 18.16
N MET A 212 -7.40 6.59 18.15
CA MET A 212 -6.00 6.33 18.44
C MET A 212 -5.84 5.56 19.75
N ASP A 213 -6.34 6.11 20.84
CA ASP A 213 -6.24 5.46 22.15
C ASP A 213 -6.65 3.99 22.13
N LYS A 214 -7.32 3.57 21.04
CA LYS A 214 -7.76 2.19 20.89
C LYS A 214 -6.62 1.32 20.35
N GLY A 215 -5.73 1.96 19.58
CA GLY A 215 -4.59 1.27 19.01
C GLY A 215 -4.34 1.50 17.54
N LYS A 216 -5.21 2.27 16.87
CA LYS A 216 -5.08 2.54 15.45
C LYS A 216 -4.42 3.88 15.16
N SER A 217 -3.98 4.06 13.90
CA SER A 217 -3.31 5.27 13.45
C SER A 217 -2.19 5.67 14.41
N CYS A 218 -1.83 6.95 14.41
CA CYS A 218 -0.78 7.40 15.28
C CYS A 218 -0.80 6.78 16.67
N GLY A 219 -1.99 6.51 17.18
CA GLY A 219 -2.12 5.91 18.49
C GLY A 219 -1.59 4.49 18.58
N ALA A 220 -1.33 3.87 17.43
CA ALA A 220 -0.81 2.51 17.36
C ALA A 220 0.54 2.46 18.05
N CYS A 221 1.21 3.62 18.07
CA CYS A 221 2.52 3.77 18.69
C CYS A 221 2.48 4.89 19.70
N HIS A 222 2.00 6.05 19.29
CA HIS A 222 1.90 7.18 20.18
C HIS A 222 0.79 6.89 21.19
N ASN A 223 1.18 6.60 22.42
CA ASN A 223 0.23 6.27 23.46
C ASN A 223 0.83 6.54 24.83
N GLY A 224 2.13 6.81 24.87
CA GLY A 224 2.80 7.08 26.13
C GLY A 224 3.72 5.97 26.56
N LYS A 225 3.75 4.90 25.76
CA LYS A 225 4.59 3.74 26.03
C LYS A 225 5.69 3.55 24.99
N ASP A 226 5.28 3.27 23.75
CA ASP A 226 6.22 3.04 22.64
C ASP A 226 6.76 4.37 22.09
N ALA A 227 5.85 5.31 21.86
CA ALA A 227 6.17 6.65 21.37
C ALA A 227 5.45 7.64 22.29
N PHE A 228 5.61 8.93 22.05
CA PHE A 228 4.97 9.91 22.94
C PHE A 228 3.44 9.93 22.88
N SER A 229 2.86 10.21 24.04
CA SER A 229 1.42 10.26 24.31
C SER A 229 0.53 10.95 23.28
N SER A 230 -0.37 10.18 22.67
CA SER A 230 -1.30 10.72 21.69
C SER A 230 -2.30 11.61 22.41
N ALA A 231 -2.19 11.63 23.74
CA ALA A 231 -3.08 12.40 24.59
C ALA A 231 -2.79 13.90 24.64
N SER A 232 -1.59 14.27 25.03
CA SER A 232 -1.27 15.70 25.13
C SER A 232 -0.08 16.09 24.27
N ASP A 233 0.55 17.21 24.65
CA ASP A 233 1.71 17.75 23.95
C ASP A 233 1.31 18.34 22.61
N CYS A 234 0.04 18.15 22.25
CA CYS A 234 -0.58 18.63 21.01
C CYS A 234 0.30 19.43 20.06
N GLY A 235 1.01 20.41 20.62
CA GLY A 235 1.89 21.27 19.84
C GLY A 235 2.89 20.56 18.94
N LYS A 236 2.81 19.23 18.90
CA LYS A 236 3.72 18.43 18.07
C LYS A 236 3.11 18.12 16.70
N CYS A 237 2.17 17.18 16.67
CA CYS A 237 1.53 16.82 15.41
C CYS A 237 0.77 17.99 14.78
N HIS A 238 0.10 18.78 15.62
CA HIS A 238 -0.66 19.94 15.15
C HIS A 238 0.21 21.17 15.37
N PRO A 239 0.68 21.79 14.29
CA PRO A 239 1.54 22.98 14.29
C PRO A 239 1.32 24.03 15.38
N GLY A 240 0.72 25.15 14.99
CA GLY A 240 0.47 26.25 15.91
C GLY A 240 -0.61 26.06 16.96
N LEU A 241 -1.47 25.06 16.76
CA LEU A 241 -2.55 24.78 17.69
C LEU A 241 -2.13 25.08 19.11
N LYS A 242 -2.99 25.77 19.85
CA LYS A 242 -2.69 26.11 21.24
C LYS A 242 -3.96 26.43 22.02
N PRO A 243 -4.07 25.89 23.24
CA PRO A 243 -5.26 26.19 24.04
C PRO A 243 -5.21 27.68 24.38
N ALA A 244 -6.18 28.44 23.87
CA ALA A 244 -6.20 29.88 24.11
C ALA A 244 -7.54 30.46 24.58
N LYS A 245 -7.57 31.79 24.63
CA LYS A 245 -8.75 32.56 25.04
C LYS A 245 -9.75 32.66 23.90
N LEU A 246 -10.87 31.98 24.04
CA LEU A 246 -11.91 32.00 23.01
C LEU A 246 -12.75 33.25 23.12
N THR A 247 -13.87 33.23 22.42
CA THR A 247 -14.84 34.32 22.40
C THR A 247 -16.13 33.79 21.80
N TYR A 248 -17.16 33.67 22.64
CA TYR A 248 -18.46 33.16 22.23
C TYR A 248 -19.38 34.23 21.67
N LYS A 249 -20.25 33.82 20.75
CA LYS A 249 -21.23 34.71 20.14
C LYS A 249 -22.57 34.30 20.75
N THR A 250 -22.98 35.00 21.80
CA THR A 250 -24.21 34.70 22.50
C THR A 250 -25.32 35.72 22.25
N SER A 251 -26.56 35.25 22.43
CA SER A 251 -27.75 36.06 22.25
C SER A 251 -27.72 37.40 22.99
N VAL A 252 -27.18 37.40 24.20
CA VAL A 252 -27.12 38.62 24.99
C VAL A 252 -25.78 39.33 24.96
N GLY A 253 -24.94 38.93 24.00
CA GLY A 253 -23.63 39.55 23.87
C GLY A 253 -22.48 38.59 23.63
N GLU A 254 -21.37 38.85 24.31
CA GLU A 254 -20.17 38.01 24.18
C GLU A 254 -19.81 37.27 25.46
N ALA A 255 -19.33 36.04 25.30
CA ALA A 255 -18.91 35.18 26.40
C ALA A 255 -17.41 34.95 26.29
N TYR A 256 -16.73 34.95 27.44
CA TYR A 256 -15.27 34.77 27.48
C TYR A 256 -14.75 33.56 28.28
N PHE A 257 -14.03 32.66 27.58
CA PHE A 257 -13.42 31.50 28.24
C PHE A 257 -11.90 31.49 28.07
N ASP A 258 -11.21 31.86 29.13
CA ASP A 258 -9.76 31.90 29.15
C ASP A 258 -9.31 30.48 29.47
N HIS A 259 -8.37 29.94 28.68
CA HIS A 259 -7.88 28.59 28.94
C HIS A 259 -6.96 28.69 30.15
N ASP A 260 -5.91 29.50 30.02
CA ASP A 260 -4.91 29.72 31.08
C ASP A 260 -5.42 29.68 32.52
N ILE A 261 -6.47 30.45 32.81
CA ILE A 261 -6.98 30.47 34.17
C ILE A 261 -7.37 29.07 34.63
N HIS A 262 -7.91 28.28 33.72
CA HIS A 262 -8.34 26.93 34.07
C HIS A 262 -7.19 25.92 34.09
N LEU A 263 -6.23 26.09 33.18
CA LEU A 263 -5.08 25.20 33.07
C LEU A 263 -4.05 25.39 34.16
N SER A 264 -4.49 25.83 35.32
CA SER A 264 -3.57 26.00 36.42
C SER A 264 -4.26 25.26 37.52
N MET A 265 -5.35 24.61 37.14
CA MET A 265 -6.12 23.85 38.08
C MET A 265 -6.65 22.61 37.40
N PHE A 266 -6.53 22.57 36.07
CA PHE A 266 -7.01 21.41 35.34
C PHE A 266 -6.18 20.97 34.13
N LYS A 267 -6.40 19.70 33.76
CA LYS A 267 -5.73 19.02 32.66
C LYS A 267 -6.73 18.72 31.57
N CYS A 268 -6.29 18.82 30.33
CA CYS A 268 -7.16 18.56 29.20
C CYS A 268 -8.11 17.41 29.47
N ALA A 269 -7.65 16.45 30.26
CA ALA A 269 -8.46 15.28 30.57
C ALA A 269 -9.77 15.64 31.25
N ASP A 270 -9.68 16.51 32.26
CA ASP A 270 -10.82 16.97 33.07
C ASP A 270 -12.04 17.35 32.23
N CYS A 271 -11.85 18.33 31.36
CA CYS A 271 -12.91 18.81 30.48
C CYS A 271 -12.97 17.87 29.28
N HIS A 272 -12.30 18.31 28.22
CA HIS A 272 -12.23 17.61 26.94
C HIS A 272 -12.48 16.10 26.89
N THR A 273 -13.23 15.71 25.85
CA THR A 273 -13.69 14.36 25.53
C THR A 273 -15.07 14.10 26.10
N LYS A 274 -15.21 14.30 27.41
CA LYS A 274 -16.47 14.09 28.12
C LYS A 274 -17.33 15.36 28.18
N VAL A 275 -16.68 16.51 28.39
CA VAL A 275 -17.38 17.78 28.51
C VAL A 275 -17.26 18.77 27.34
N PHE A 276 -16.05 18.97 26.81
CA PHE A 276 -15.86 19.89 25.69
C PHE A 276 -15.02 19.35 24.55
N LYS A 277 -15.60 19.27 23.37
CA LYS A 277 -14.87 18.80 22.21
C LYS A 277 -13.86 19.91 21.90
N TYR A 278 -13.17 19.80 20.77
CA TYR A 278 -12.17 20.80 20.40
C TYR A 278 -12.66 21.56 19.17
N ARG A 279 -13.01 20.80 18.14
CA ARG A 279 -13.48 21.37 16.89
C ARG A 279 -14.39 22.55 17.20
N LYS A 280 -14.21 23.64 16.47
CA LYS A 280 -15.05 24.82 16.69
C LYS A 280 -16.50 24.40 16.53
N GLY A 281 -16.77 23.61 15.48
CA GLY A 281 -18.12 23.14 15.20
C GLY A 281 -18.64 22.17 16.25
N SER A 282 -19.24 22.73 17.31
CA SER A 282 -19.79 21.92 18.41
C SER A 282 -21.31 21.98 18.42
N ALA A 283 -21.87 21.99 19.62
CA ALA A 283 -23.32 22.06 19.83
C ALA A 283 -23.51 23.06 20.98
N PRO A 284 -23.84 24.33 20.65
CA PRO A 284 -24.06 25.38 21.65
C PRO A 284 -24.93 25.00 22.85
N ALA A 285 -24.30 24.92 24.03
CA ALA A 285 -25.01 24.58 25.24
C ALA A 285 -25.72 25.84 25.70
N THR A 286 -26.96 25.69 26.17
CA THR A 286 -27.75 26.82 26.63
C THR A 286 -27.53 27.02 28.12
N MET A 287 -27.71 28.25 28.58
CA MET A 287 -27.54 28.57 29.99
C MET A 287 -28.54 27.76 30.79
N ALA A 288 -29.52 27.20 30.08
CA ALA A 288 -30.54 26.38 30.69
C ALA A 288 -29.79 25.14 31.14
N ASP A 289 -29.01 24.61 30.18
CA ASP A 289 -28.18 23.42 30.36
C ASP A 289 -27.13 23.64 31.43
N MET A 290 -26.33 24.69 31.23
CA MET A 290 -25.27 25.03 32.16
C MET A 290 -25.77 25.07 33.59
N GLU A 291 -27.09 25.04 33.77
CA GLU A 291 -27.67 25.04 35.09
C GLU A 291 -27.95 23.60 35.44
N LYS A 292 -28.43 22.84 34.46
CA LYS A 292 -28.73 21.43 34.65
C LYS A 292 -27.47 20.69 35.09
N GLY A 293 -26.32 21.18 34.63
CA GLY A 293 -25.05 20.56 34.97
C GLY A 293 -24.09 20.47 33.79
N LYS A 294 -24.64 20.46 32.58
CA LYS A 294 -23.83 20.37 31.37
C LYS A 294 -22.83 21.52 31.25
N SER A 295 -22.15 21.61 30.09
CA SER A 295 -21.14 22.63 29.80
C SER A 295 -20.49 23.29 31.02
N CYS A 296 -20.07 24.53 30.88
CA CYS A 296 -19.40 25.25 31.97
C CYS A 296 -19.99 24.94 33.34
N GLY A 297 -21.22 24.44 33.34
CA GLY A 297 -21.91 24.14 34.57
C GLY A 297 -21.52 22.82 35.19
N VAL A 298 -20.63 22.08 34.52
CA VAL A 298 -20.19 20.80 35.04
C VAL A 298 -19.46 21.09 36.34
N CYS A 299 -18.79 22.23 36.36
CA CYS A 299 -18.05 22.62 37.54
C CYS A 299 -18.58 23.97 38.02
N HIS A 300 -19.18 24.73 37.11
CA HIS A 300 -19.75 26.02 37.47
C HIS A 300 -21.16 25.84 38.01
N ASN A 301 -21.24 25.61 39.32
CA ASN A 301 -22.52 25.39 39.98
C ASN A 301 -22.45 25.69 41.48
N GLY A 302 -21.79 26.78 41.82
CA GLY A 302 -21.69 27.20 43.22
C GLY A 302 -20.92 26.35 44.21
N LYS A 303 -21.04 25.03 44.13
CA LYS A 303 -20.33 24.14 45.05
C LYS A 303 -18.84 24.08 44.71
N ASP A 304 -18.56 23.79 43.44
CA ASP A 304 -17.21 23.68 42.92
C ASP A 304 -16.61 25.03 42.58
N ALA A 305 -16.91 25.52 41.38
CA ALA A 305 -16.41 26.81 40.92
C ALA A 305 -17.31 27.90 41.51
N PHE A 306 -18.38 28.19 40.76
CA PHE A 306 -19.40 29.14 41.14
C PHE A 306 -20.54 28.95 40.15
N SER A 307 -21.75 29.33 40.54
CA SER A 307 -22.92 29.12 39.69
C SER A 307 -23.13 30.06 38.50
N VAL A 308 -23.61 29.46 37.42
CA VAL A 308 -23.89 30.21 36.21
C VAL A 308 -24.90 31.27 36.60
N ALA A 309 -25.90 30.88 37.39
CA ALA A 309 -26.94 31.78 37.86
C ALA A 309 -26.43 33.20 38.13
N ASP A 310 -25.83 33.41 39.30
CA ASP A 310 -25.29 34.71 39.67
C ASP A 310 -24.07 35.06 38.80
N ASP A 311 -23.36 36.11 39.19
CA ASP A 311 -22.15 36.61 38.53
C ASP A 311 -22.08 36.57 37.00
N CYS A 312 -23.20 36.79 36.33
CA CYS A 312 -23.25 36.77 34.86
C CYS A 312 -22.21 37.66 34.19
N VAL A 313 -21.68 38.63 34.93
CA VAL A 313 -20.69 39.55 34.37
C VAL A 313 -19.29 38.95 34.16
N LYS A 314 -18.89 38.04 35.05
CA LYS A 314 -17.58 37.39 34.96
C LYS A 314 -17.29 36.73 33.63
N CYS A 315 -18.27 36.02 33.09
CA CYS A 315 -18.11 35.34 31.81
C CYS A 315 -18.76 36.09 30.68
N HIS A 316 -19.43 37.19 31.01
CA HIS A 316 -20.11 37.96 29.98
C HIS A 316 -19.64 39.40 29.91
N ASN A 317 -19.92 40.03 28.77
CA ASN A 317 -19.59 41.43 28.55
C ASN A 317 -20.86 42.12 28.04
N MET A 318 -21.59 42.73 28.98
CA MET A 318 -22.85 43.41 28.66
C MET A 318 -22.88 44.84 29.19
#